data_2C3W
#
_entry.id   2C3W
#
_cell.length_a   47.533
_cell.length_b   94.553
_cell.length_c   64.868
_cell.angle_alpha   90.00
_cell.angle_beta   104.65
_cell.angle_gamma   90.00
#
_symmetry.space_group_name_H-M   'P 1 21 1'
#
loop_
_entity.id
_entity.type
_entity.pdbx_description
1 polymer 'ALPHA-AMYLASE G-6'
2 branched alpha-D-glucopyranose-(1-4)-alpha-D-glucopyranose-(1-4)-alpha-D-glucopyranose-(1-4)-alpha-D-glucopyranose
3 branched alpha-D-glucopyranose-(1-4)-alpha-D-glucopyranose-(1-4)-alpha-D-glucopyranose
4 non-polymer 'SULFATE ION'
5 water water
#
_entity_poly.entity_id   1
_entity_poly.type   'polypeptide(L)'
_entity_poly.pdbx_seq_one_letter_code
;GSHMASGDATDITIYYKTGWTHPHIHYSLNQGAWTTLPGVPLTKSEYEGYVKVTIEAEEGSQLRAAFNNGSGQWDNNQGR
DYDFSSGVHTLADGRILSGTPK
;
_entity_poly.pdbx_strand_id   A,B,C,D
#
# COMPACT_ATOMS: atom_id res chain seq x y z
N ASP A 8 -32.35 5.29 21.81
CA ASP A 8 -31.55 5.85 20.67
C ASP A 8 -30.05 5.49 20.74
N ALA A 9 -29.49 5.21 19.58
CA ALA A 9 -28.16 4.65 19.49
C ALA A 9 -27.13 5.68 19.95
N THR A 10 -26.05 5.14 20.47
CA THR A 10 -24.90 5.93 21.01
C THR A 10 -23.62 5.58 20.28
N ASP A 11 -23.00 4.45 20.62
CA ASP A 11 -21.75 4.06 19.99
C ASP A 11 -21.89 3.86 18.51
N ILE A 12 -20.78 4.03 17.81
CA ILE A 12 -20.73 3.89 16.38
C ILE A 12 -20.06 2.56 16.08
N THR A 13 -20.84 1.59 15.61
CA THR A 13 -20.37 0.23 15.35
C THR A 13 -20.37 0.03 13.84
N ILE A 14 -19.24 -0.45 13.36
CA ILE A 14 -18.94 -0.58 11.94
C ILE A 14 -18.43 -1.95 11.57
N TYR A 15 -19.14 -2.62 10.64
CA TYR A 15 -18.62 -3.82 10.00
C TYR A 15 -17.99 -3.38 8.67
N TYR A 16 -16.82 -3.92 8.33
CA TYR A 16 -16.08 -3.53 7.16
C TYR A 16 -15.60 -4.73 6.38
N LYS A 17 -16.00 -4.80 5.13
CA LYS A 17 -15.58 -5.91 4.25
C LYS A 17 -14.14 -5.64 3.81
N THR A 18 -13.25 -6.50 4.24
CA THR A 18 -11.87 -6.45 3.77
C THR A 18 -11.14 -7.74 3.97
N GLY A 19 -10.13 -8.00 3.12
CA GLY A 19 -9.19 -9.08 3.32
C GLY A 19 -7.87 -8.65 3.95
N TRP A 20 -7.70 -7.35 4.19
CA TRP A 20 -6.57 -6.87 4.89
C TRP A 20 -6.48 -7.58 6.24
N THR A 21 -5.27 -7.99 6.59
CA THR A 21 -4.96 -8.64 7.87
C THR A 21 -4.82 -7.73 9.06
N HIS A 22 -4.42 -6.49 8.82
CA HIS A 22 -4.22 -5.49 9.88
C HIS A 22 -5.03 -4.20 9.58
N PRO A 23 -6.33 -4.30 9.35
CA PRO A 23 -7.18 -3.15 9.01
C PRO A 23 -7.28 -2.19 10.21
N HIS A 24 -7.17 -0.93 9.88
CA HIS A 24 -7.35 0.12 10.82
C HIS A 24 -8.36 1.14 10.35
N ILE A 25 -8.98 1.83 11.28
CA ILE A 25 -9.89 2.95 10.99
C ILE A 25 -9.28 4.26 11.54
N HIS A 26 -9.08 5.18 10.65
CA HIS A 26 -8.55 6.52 10.98
C HIS A 26 -9.69 7.47 10.87
N TYR A 27 -9.94 8.22 11.93
CA TYR A 27 -11.19 8.96 12.00
C TYR A 27 -11.17 10.22 12.83
N SER A 28 -12.14 11.06 12.54
CA SER A 28 -12.50 12.24 13.38
C SER A 28 -13.89 12.04 13.88
N LEU A 29 -14.03 11.99 15.21
CA LEU A 29 -15.37 11.76 15.80
C LEU A 29 -15.98 13.12 16.16
N ASN A 30 -17.19 13.36 15.67
CA ASN A 30 -17.95 14.60 15.94
C ASN A 30 -17.09 15.83 15.68
N GLN A 31 -16.35 15.78 14.58
CA GLN A 31 -15.52 16.91 14.12
C GLN A 31 -14.37 17.29 15.01
N GLY A 32 -14.02 16.37 15.88
CA GLY A 32 -12.87 16.49 16.74
C GLY A 32 -11.58 16.07 16.05
N ALA A 33 -10.57 15.90 16.88
CA ALA A 33 -9.22 15.56 16.46
C ALA A 33 -9.25 14.30 15.61
N TRP A 34 -8.42 14.27 14.59
CA TRP A 34 -8.19 12.97 13.88
C TRP A 34 -7.35 12.11 14.77
N THR A 35 -7.65 10.81 14.74
CA THR A 35 -6.81 9.86 15.41
C THR A 35 -5.35 9.96 14.94
N THR A 36 -4.42 9.60 15.83
CA THR A 36 -3.06 9.36 15.42
C THR A 36 -3.00 8.29 14.34
N LEU A 37 -2.39 8.64 13.21
CA LEU A 37 -2.20 7.66 12.15
C LEU A 37 -1.45 6.43 12.61
N PRO A 38 -1.85 5.19 12.28
CA PRO A 38 -2.89 4.84 11.26
C PRO A 38 -4.29 4.59 11.82
N GLY A 39 -4.54 5.04 13.05
CA GLY A 39 -5.82 4.89 13.70
C GLY A 39 -5.93 3.59 14.51
N VAL A 40 -7.16 3.16 14.70
CA VAL A 40 -7.49 2.14 15.65
C VAL A 40 -7.73 0.86 14.87
N PRO A 41 -7.22 -0.29 15.34
CA PRO A 41 -7.46 -1.57 14.61
C PRO A 41 -8.92 -1.99 14.68
N LEU A 42 -9.38 -2.58 13.60
CA LEU A 42 -10.60 -3.39 13.63
C LEU A 42 -10.30 -4.86 13.95
N THR A 43 -11.25 -5.56 14.55
CA THR A 43 -11.07 -6.93 15.04
C THR A 43 -11.86 -7.89 14.16
N LYS A 44 -11.55 -9.17 14.22
CA LYS A 44 -12.28 -10.15 13.41
C LYS A 44 -13.77 -10.12 13.86
N SER A 45 -14.68 -10.19 12.91
CA SER A 45 -16.11 -10.18 13.25
C SER A 45 -16.61 -11.61 13.21
N GLU A 46 -17.88 -11.73 13.55
CA GLU A 46 -18.60 -13.00 13.51
C GLU A 46 -18.95 -13.44 12.07
N TYR A 47 -18.63 -12.62 11.08
CA TYR A 47 -18.93 -12.85 9.66
C TYR A 47 -17.63 -12.95 8.84
N GLU A 48 -17.45 -14.02 8.07
CA GLU A 48 -16.25 -14.17 7.27
CA GLU A 48 -16.29 -14.19 7.18
C GLU A 48 -16.13 -13.02 6.22
N GLY A 49 -14.92 -12.48 6.09
CA GLY A 49 -14.69 -11.39 5.15
C GLY A 49 -14.92 -9.99 5.70
N TYR A 50 -15.35 -9.89 6.95
CA TYR A 50 -15.71 -8.61 7.64
C TYR A 50 -14.91 -8.53 8.93
N VAL A 51 -14.35 -7.36 9.18
CA VAL A 51 -13.88 -7.01 10.50
C VAL A 51 -14.84 -5.98 11.11
N LYS A 52 -14.65 -5.67 12.39
CA LYS A 52 -15.58 -4.76 13.04
C LYS A 52 -14.91 -3.95 14.10
N VAL A 53 -15.56 -2.83 14.45
CA VAL A 53 -15.10 -1.99 15.54
C VAL A 53 -16.26 -1.23 16.10
N THR A 54 -16.22 -0.96 17.41
CA THR A 54 -17.14 -0.06 18.01
C THR A 54 -16.37 1.11 18.64
N ILE A 55 -16.72 2.27 18.16
CA ILE A 55 -16.17 3.54 18.62
C ILE A 55 -17.14 4.11 19.63
N GLU A 56 -16.67 4.27 20.87
CA GLU A 56 -17.44 4.88 21.90
C GLU A 56 -17.88 6.30 21.54
N ALA A 57 -19.19 6.53 21.66
CA ALA A 57 -19.77 7.81 21.34
C ALA A 57 -21.09 8.01 22.05
N GLU A 58 -21.47 9.29 22.13
CA GLU A 58 -22.75 9.71 22.67
C GLU A 58 -23.80 9.61 21.64
N GLU A 59 -25.04 9.62 22.09
CA GLU A 59 -26.19 9.76 21.23
C GLU A 59 -26.06 10.88 20.17
N GLY A 60 -26.52 10.61 18.97
CA GLY A 60 -26.50 11.60 17.93
C GLY A 60 -25.09 11.94 17.39
N SER A 61 -24.17 10.99 17.51
CA SER A 61 -22.83 11.19 16.97
C SER A 61 -22.68 10.81 15.50
N GLN A 62 -21.60 11.31 14.92
CA GLN A 62 -21.16 10.99 13.58
C GLN A 62 -19.64 11.03 13.54
N LEU A 63 -19.01 10.20 12.71
CA LEU A 63 -17.59 10.29 12.53
C LEU A 63 -17.34 10.26 11.03
N ARG A 64 -16.17 10.78 10.64
CA ARG A 64 -15.65 10.71 9.30
C ARG A 64 -14.42 9.80 9.34
N ALA A 65 -14.29 8.89 8.40
CA ALA A 65 -13.32 7.82 8.47
C ALA A 65 -12.66 7.48 7.13
N ALA A 66 -11.40 7.09 7.20
CA ALA A 66 -10.69 6.45 6.08
C ALA A 66 -10.06 5.20 6.65
N PHE A 67 -10.18 4.11 5.90
CA PHE A 67 -9.63 2.84 6.31
C PHE A 67 -8.28 2.60 5.71
N ASN A 68 -7.45 1.82 6.39
CA ASN A 68 -6.17 1.48 5.82
C ASN A 68 -5.73 0.09 6.30
N ASN A 69 -4.73 -0.44 5.61
CA ASN A 69 -4.26 -1.81 5.84
C ASN A 69 -3.11 -1.91 6.88
N GLY A 70 -2.88 -0.86 7.61
CA GLY A 70 -1.86 -0.78 8.64
C GLY A 70 -0.44 -0.53 8.12
N SER A 71 -0.31 -0.46 6.80
CA SER A 71 0.96 -0.20 6.09
C SER A 71 0.83 0.84 4.95
N GLY A 72 -0.08 1.78 5.13
CA GLY A 72 -0.18 2.90 4.23
C GLY A 72 -0.96 2.73 2.97
N GLN A 73 -1.70 1.62 2.80
CA GLN A 73 -2.68 1.51 1.76
C GLN A 73 -4.07 1.81 2.30
N TRP A 74 -4.81 2.58 1.54
CA TRP A 74 -6.05 3.24 1.98
C TRP A 74 -7.32 2.89 1.20
N ASP A 75 -8.45 3.03 1.91
CA ASP A 75 -9.77 3.02 1.38
C ASP A 75 -10.47 4.25 1.87
N ASN A 76 -10.49 5.32 1.07
CA ASN A 76 -10.99 6.59 1.54
C ASN A 76 -12.17 7.19 0.75
N ASN A 77 -12.92 6.33 0.07
CA ASN A 77 -14.15 6.76 -0.61
C ASN A 77 -13.87 7.86 -1.65
N GLN A 78 -12.93 7.62 -2.53
CA GLN A 78 -12.58 8.54 -3.63
C GLN A 78 -12.11 9.87 -3.04
N GLY A 79 -11.42 9.75 -1.91
CA GLY A 79 -10.82 10.89 -1.23
C GLY A 79 -11.84 11.64 -0.40
N ARG A 80 -13.09 11.21 -0.34
CA ARG A 80 -14.11 11.97 0.38
C ARG A 80 -14.30 11.57 1.86
N ASP A 81 -13.74 10.43 2.18
CA ASP A 81 -13.99 9.73 3.48
C ASP A 81 -15.39 9.16 3.62
N TYR A 82 -15.57 8.30 4.60
CA TYR A 82 -16.83 7.70 4.87
C TYR A 82 -17.45 8.29 6.12
N ASP A 83 -18.76 8.47 6.07
CA ASP A 83 -19.54 9.02 7.19
C ASP A 83 -20.34 7.94 7.87
N PHE A 84 -20.13 7.78 9.17
CA PHE A 84 -20.90 6.86 9.99
C PHE A 84 -21.55 7.54 11.18
N SER A 85 -22.79 7.24 11.42
CA SER A 85 -23.54 7.75 12.58
C SER A 85 -23.71 6.71 13.68
N SER A 86 -24.11 7.17 14.86
CA SER A 86 -24.46 6.28 15.99
C SER A 86 -25.35 5.11 15.53
N GLY A 87 -25.07 3.93 16.01
CA GLY A 87 -25.81 2.72 15.64
C GLY A 87 -24.85 1.81 14.87
N VAL A 88 -25.44 0.86 14.15
CA VAL A 88 -24.69 -0.17 13.44
C VAL A 88 -24.80 0.03 11.94
N HIS A 89 -23.66 -0.02 11.25
CA HIS A 89 -23.63 0.03 9.80
C HIS A 89 -22.56 -0.95 9.25
N THR A 90 -22.68 -1.34 8.00
CA THR A 90 -21.73 -2.16 7.29
C THR A 90 -21.30 -1.43 6.03
N LEU A 91 -19.99 -1.30 5.90
CA LEU A 91 -19.31 -0.82 4.69
C LEU A 91 -18.81 -2.02 3.86
N ALA A 92 -19.32 -2.10 2.63
CA ALA A 92 -18.84 -3.09 1.68
C ALA A 92 -18.74 -2.48 0.30
N ASP A 93 -17.53 -2.56 -0.25
CA ASP A 93 -17.25 -2.07 -1.60
C ASP A 93 -17.69 -0.65 -1.82
N GLY A 94 -17.36 0.18 -0.86
CA GLY A 94 -17.62 1.57 -0.92
C GLY A 94 -19.03 2.02 -0.60
N ARG A 95 -19.93 1.12 -0.17
CA ARG A 95 -21.29 1.46 0.09
C ARG A 95 -21.62 1.16 1.53
N ILE A 96 -22.32 2.08 2.18
CA ILE A 96 -22.69 1.89 3.60
C ILE A 96 -24.19 1.62 3.69
N LEU A 97 -24.59 0.59 4.43
CA LEU A 97 -25.95 0.31 4.78
C LEU A 97 -26.05 0.12 6.26
N SER A 98 -27.24 0.39 6.81
CA SER A 98 -27.54 0.10 8.20
C SER A 98 -27.42 -1.38 8.42
N GLY A 99 -27.13 -1.73 9.65
CA GLY A 99 -27.15 -3.09 10.12
C GLY A 99 -25.93 -3.89 9.73
N THR A 100 -26.11 -5.22 9.69
CA THR A 100 -25.06 -6.18 9.58
C THR A 100 -24.91 -6.74 8.14
N PRO A 101 -23.83 -7.45 7.89
CA PRO A 101 -23.53 -8.00 6.55
C PRO A 101 -24.62 -8.83 5.90
N LYS A 102 -24.82 -8.55 4.62
CA LYS A 102 -26.01 -8.99 3.90
C LYS A 102 -25.79 -10.37 3.27
N ASP B 8 36.58 16.00 13.82
CA ASP B 8 35.73 14.82 13.46
C ASP B 8 34.24 15.20 13.27
N ALA B 9 33.52 14.37 12.54
CA ALA B 9 32.11 14.67 12.17
C ALA B 9 31.22 14.83 13.41
N THR B 10 30.30 15.79 13.34
CA THR B 10 29.30 15.97 14.37
C THR B 10 27.91 15.70 13.79
N ASP B 11 27.40 16.58 12.94
CA ASP B 11 26.01 16.48 12.48
C ASP B 11 25.82 15.18 11.68
N ILE B 12 24.57 14.71 11.68
CA ILE B 12 24.18 13.50 10.95
C ILE B 12 23.40 13.95 9.71
N THR B 13 24.05 13.88 8.56
CA THR B 13 23.44 14.23 7.30
C THR B 13 23.12 12.94 6.53
N ILE B 14 21.91 12.91 5.99
CA ILE B 14 21.36 11.71 5.37
C ILE B 14 20.73 12.09 4.05
N TYR B 15 21.15 11.41 2.95
CA TYR B 15 20.46 11.43 1.68
C TYR B 15 19.66 10.12 1.60
N TYR B 16 18.41 10.22 1.20
CA TYR B 16 17.53 9.05 1.14
C TYR B 16 16.86 8.96 -0.23
N LYS B 17 16.96 7.81 -0.86
CA LYS B 17 16.35 7.60 -2.15
C LYS B 17 14.91 7.23 -1.96
N THR B 18 14.04 8.09 -2.45
CA THR B 18 12.63 7.85 -2.40
C THR B 18 11.88 8.68 -3.39
N GLY B 19 10.79 8.11 -3.86
CA GLY B 19 9.80 8.84 -4.61
C GLY B 19 8.56 9.25 -3.87
N TRP B 20 8.49 8.93 -2.58
CA TRP B 20 7.43 9.49 -1.78
C TRP B 20 7.31 11.01 -1.82
N THR B 21 6.08 11.47 -1.88
CA THR B 21 5.69 12.85 -1.91
C THR B 21 6.05 13.58 -0.62
N HIS B 22 5.82 12.90 0.50
CA HIS B 22 5.89 13.53 1.83
C HIS B 22 6.75 12.67 2.78
N PRO B 23 8.02 12.49 2.42
CA PRO B 23 8.88 11.60 3.20
C PRO B 23 9.22 12.22 4.56
N HIS B 24 9.30 11.37 5.54
CA HIS B 24 9.68 11.74 6.92
C HIS B 24 10.69 10.78 7.49
N ILE B 25 11.54 11.25 8.39
CA ILE B 25 12.43 10.39 9.14
C ILE B 25 11.97 10.43 10.58
N HIS B 26 11.71 9.24 11.13
CA HIS B 26 11.33 9.09 12.51
C HIS B 26 12.54 8.46 13.19
N TYR B 27 13.05 9.12 14.22
CA TYR B 27 14.35 8.69 14.76
C TYR B 27 14.48 8.94 16.25
N SER B 28 15.43 8.22 16.79
CA SER B 28 15.98 8.45 18.13
C SER B 28 17.46 8.75 18.03
N LEU B 29 17.83 9.93 18.55
CA LEU B 29 19.23 10.35 18.49
C LEU B 29 19.93 10.01 19.77
N ASN B 30 21.08 9.33 19.66
CA ASN B 30 21.91 8.84 20.77
C ASN B 30 21.05 8.20 21.86
N GLN B 31 20.14 7.33 21.45
CA GLN B 31 19.25 6.62 22.37
C GLN B 31 18.27 7.47 23.16
N GLY B 32 18.04 8.68 22.74
CA GLY B 32 17.05 9.57 23.30
C GLY B 32 15.63 9.16 22.91
N ALA B 33 14.69 9.95 23.36
CA ALA B 33 13.26 9.86 23.00
C ALA B 33 13.09 9.94 21.48
N TRP B 34 12.17 9.13 20.95
CA TRP B 34 11.90 9.17 19.50
C TRP B 34 11.13 10.43 19.21
N THR B 35 11.26 10.90 17.98
CA THR B 35 10.49 11.95 17.47
C THR B 35 9.01 11.67 17.60
N THR B 36 8.21 12.71 17.65
CA THR B 36 6.75 12.55 17.53
C THR B 36 6.44 12.14 16.10
N LEU B 37 5.62 11.12 15.94
CA LEU B 37 5.19 10.71 14.61
C LEU B 37 4.50 11.79 13.85
N PRO B 38 4.61 11.82 12.52
CA PRO B 38 5.42 10.86 11.71
C PRO B 38 6.92 11.14 11.59
N GLY B 39 7.42 12.11 12.35
CA GLY B 39 8.85 12.39 12.38
C GLY B 39 9.13 13.69 11.65
N VAL B 40 10.38 13.89 11.33
CA VAL B 40 10.86 15.11 10.67
C VAL B 40 10.75 15.00 9.15
N PRO B 41 10.15 15.97 8.50
CA PRO B 41 10.09 15.93 7.05
C PRO B 41 11.46 15.98 6.46
N LEU B 42 11.66 15.18 5.43
CA LEU B 42 12.85 15.34 4.61
C LEU B 42 12.57 16.32 3.44
N THR B 43 13.54 17.17 3.08
CA THR B 43 13.33 18.06 1.95
C THR B 43 14.05 17.57 0.72
N LYS B 44 13.65 18.07 -0.43
CA LYS B 44 14.28 17.77 -1.71
C LYS B 44 15.79 18.04 -1.64
N SER B 45 16.62 17.09 -2.05
CA SER B 45 18.06 17.31 -2.06
C SER B 45 18.46 17.92 -3.40
N GLU B 46 19.76 18.12 -3.53
CA GLU B 46 20.38 18.61 -4.75
C GLU B 46 20.47 17.53 -5.85
N TYR B 47 20.05 16.32 -5.50
CA TYR B 47 20.10 15.16 -6.38
C TYR B 47 18.67 14.62 -6.61
N GLU B 48 18.37 14.40 -7.88
CA GLU B 48 17.07 13.90 -8.29
C GLU B 48 16.83 12.54 -7.66
N GLY B 49 15.60 12.31 -7.20
CA GLY B 49 15.23 11.05 -6.56
C GLY B 49 15.67 10.87 -5.12
N TYR B 50 16.37 11.88 -4.57
CA TYR B 50 16.87 11.86 -3.19
C TYR B 50 16.37 13.04 -2.42
N VAL B 51 15.94 12.78 -1.19
CA VAL B 51 15.65 13.79 -0.20
C VAL B 51 16.78 13.75 0.86
N LYS B 52 16.86 14.81 1.66
CA LYS B 52 17.91 14.90 2.66
C LYS B 52 17.46 15.62 3.93
N VAL B 53 18.24 15.37 4.95
CA VAL B 53 18.13 16.04 6.22
C VAL B 53 19.49 16.06 6.93
N THR B 54 19.70 17.12 7.71
CA THR B 54 20.83 17.23 8.59
C THR B 54 20.28 17.34 10.01
N ILE B 55 20.62 16.34 10.82
CA ILE B 55 20.25 16.32 12.20
C ILE B 55 21.45 16.84 13.00
N GLU B 56 21.22 17.96 13.67
CA GLU B 56 22.19 18.52 14.59
C GLU B 56 22.60 17.49 15.67
N ALA B 57 23.89 17.20 15.72
CA ALA B 57 24.43 16.25 16.68
C ALA B 57 25.84 16.58 17.06
N GLU B 58 26.26 16.06 18.22
CA GLU B 58 27.62 16.30 18.69
C GLU B 58 28.49 15.18 18.17
N GLU B 59 29.79 15.37 18.23
CA GLU B 59 30.77 14.36 17.82
C GLU B 59 30.47 12.94 18.23
N GLY B 60 30.66 12.00 17.31
CA GLY B 60 30.51 10.57 17.62
C GLY B 60 29.05 10.15 17.94
N SER B 61 28.09 10.90 17.39
CA SER B 61 26.68 10.56 17.59
C SER B 61 26.25 9.47 16.62
N GLN B 62 25.10 8.87 16.96
CA GLN B 62 24.40 7.94 16.11
C GLN B 62 22.90 8.06 16.32
N LEU B 63 22.12 7.73 15.29
CA LEU B 63 20.70 7.74 15.42
C LEU B 63 20.19 6.46 14.81
N ARG B 64 19.02 6.08 15.26
CA ARG B 64 18.29 4.94 14.71
C ARG B 64 17.06 5.49 14.04
N ALA B 65 16.81 5.05 12.79
CA ALA B 65 15.83 5.73 11.97
C ALA B 65 14.94 4.76 11.21
N ALA B 66 13.70 5.18 11.04
CA ALA B 66 12.75 4.50 10.15
C ALA B 66 12.10 5.62 9.35
N PHE B 67 11.98 5.39 8.05
CA PHE B 67 11.48 6.33 7.15
C PHE B 67 10.02 6.01 6.83
N ASN B 68 9.24 7.04 6.54
CA ASN B 68 7.86 6.82 6.15
C ASN B 68 7.35 7.86 5.20
N ASN B 69 6.21 7.56 4.54
CA ASN B 69 5.68 8.44 3.56
C ASN B 69 4.68 9.51 4.08
N GLY B 70 4.64 9.71 5.39
CA GLY B 70 3.70 10.61 6.05
C GLY B 70 2.27 10.10 6.26
N SER B 71 1.96 8.97 5.63
CA SER B 71 0.62 8.44 5.57
C SER B 71 0.60 6.93 5.85
N GLY B 72 1.56 6.46 6.63
CA GLY B 72 1.50 5.11 7.12
C GLY B 72 2.35 4.06 6.44
N GLN B 73 2.99 4.41 5.33
CA GLN B 73 3.91 3.50 4.66
C GLN B 73 5.31 3.72 5.19
N TRP B 74 5.96 2.63 5.57
CA TRP B 74 7.32 2.66 6.16
C TRP B 74 8.42 1.99 5.32
N ASP B 75 9.65 2.41 5.58
CA ASP B 75 10.87 1.75 5.16
C ASP B 75 11.69 1.69 6.46
N ASN B 76 11.60 0.55 7.12
CA ASN B 76 12.28 0.34 8.39
C ASN B 76 13.37 -0.71 8.46
N ASN B 77 13.99 -1.03 7.33
CA ASN B 77 15.15 -1.94 7.28
C ASN B 77 14.79 -3.31 7.87
N GLN B 78 13.77 -3.92 7.28
CA GLN B 78 13.29 -5.25 7.73
C GLN B 78 12.98 -5.21 9.23
N GLY B 79 12.40 -4.10 9.66
CA GLY B 79 11.99 -3.96 11.05
C GLY B 79 13.11 -3.69 12.04
N ARG B 80 14.36 -3.59 11.58
CA ARG B 80 15.54 -3.36 12.44
C ARG B 80 15.86 -1.88 12.69
N ASP B 81 15.30 -1.00 11.84
CA ASP B 81 15.77 0.37 11.69
C ASP B 81 17.16 0.50 11.14
N TYR B 82 17.41 1.73 10.68
CA TYR B 82 18.65 2.09 10.01
C TYR B 82 19.53 2.87 11.02
N ASP B 83 20.80 2.53 11.09
CA ASP B 83 21.77 3.22 11.92
C ASP B 83 22.64 4.20 11.15
N PHE B 84 22.62 5.46 11.55
CA PHE B 84 23.44 6.44 10.87
C PHE B 84 24.32 7.17 11.92
N SER B 85 25.60 7.23 11.64
CA SER B 85 26.57 7.97 12.49
C SER B 85 26.82 9.39 12.01
N SER B 86 27.45 10.20 12.88
CA SER B 86 27.92 11.52 12.50
C SER B 86 28.68 11.44 11.14
N GLY B 87 28.43 12.44 10.30
CA GLY B 87 28.97 12.47 8.96
C GLY B 87 27.83 12.38 7.96
N VAL B 88 28.19 12.09 6.70
CA VAL B 88 27.26 12.07 5.59
C VAL B 88 27.13 10.65 5.12
N HIS B 89 25.88 10.22 4.94
CA HIS B 89 25.59 8.93 4.32
C HIS B 89 24.42 9.00 3.35
N THR B 90 24.34 8.02 2.45
CA THR B 90 23.23 7.88 1.54
C THR B 90 22.64 6.51 1.75
N LEU B 91 21.32 6.48 1.90
CA LEU B 91 20.54 5.23 1.92
C LEU B 91 19.78 5.14 0.60
N ALA B 92 20.02 4.04 -0.10
CA ALA B 92 19.33 3.70 -1.30
C ALA B 92 19.06 2.22 -1.28
N ASP B 93 17.80 1.87 -1.48
CA ASP B 93 17.36 0.49 -1.61
C ASP B 93 17.87 -0.36 -0.48
N GLY B 94 17.73 0.12 0.75
CA GLY B 94 18.05 -0.62 1.90
C GLY B 94 19.54 -0.74 2.26
N ARG B 95 20.41 -0.06 1.55
CA ARG B 95 21.80 -0.02 1.93
C ARG B 95 22.38 1.36 2.12
N ILE B 96 23.24 1.46 3.10
CA ILE B 96 23.81 2.75 3.45
C ILE B 96 25.27 2.71 3.03
N LEU B 97 25.73 3.79 2.42
CA LEU B 97 27.14 4.00 2.08
C LEU B 97 27.50 5.42 2.57
N SER B 98 28.77 5.62 2.92
CA SER B 98 29.28 6.98 3.15
C SER B 98 29.13 7.85 1.93
N GLY B 99 29.04 9.13 2.19
CA GLY B 99 29.00 10.17 1.15
C GLY B 99 27.67 10.35 0.47
N THR B 100 27.76 10.93 -0.72
CA THR B 100 26.62 11.42 -1.46
C THR B 100 26.19 10.39 -2.50
N PRO B 101 25.05 10.61 -3.15
CA PRO B 101 24.54 9.68 -4.18
C PRO B 101 25.54 9.32 -5.31
N LYS B 102 25.56 8.04 -5.72
CA LYS B 102 26.59 7.51 -6.64
C LYS B 102 26.21 7.74 -8.12
N ASP C 8 -13.24 -25.14 -3.09
CA ASP C 8 -12.28 -23.98 -3.02
C ASP C 8 -10.83 -24.44 -2.87
N ALA C 9 -9.94 -23.47 -3.02
CA ALA C 9 -8.52 -23.65 -2.88
C ALA C 9 -8.21 -24.23 -1.51
N THR C 10 -7.15 -25.04 -1.46
CA THR C 10 -6.62 -25.63 -0.23
C THR C 10 -5.18 -25.18 0.01
N ASP C 11 -4.23 -25.73 -0.74
CA ASP C 11 -2.85 -25.47 -0.49
C ASP C 11 -2.52 -24.03 -0.72
N ILE C 12 -1.48 -23.55 -0.07
CA ILE C 12 -0.95 -22.18 -0.29
C ILE C 12 0.28 -22.22 -1.18
N THR C 13 0.14 -21.78 -2.43
CA THR C 13 1.24 -21.75 -3.41
C THR C 13 1.66 -20.31 -3.61
N ILE C 14 2.97 -20.07 -3.55
CA ILE C 14 3.57 -18.73 -3.59
C ILE C 14 4.67 -18.73 -4.59
N TYR C 15 4.61 -17.80 -5.55
CA TYR C 15 5.77 -17.48 -6.38
C TYR C 15 6.42 -16.24 -5.76
N TYR C 16 7.74 -16.22 -5.76
CA TYR C 16 8.49 -15.18 -5.07
C TYR C 16 9.59 -14.66 -5.94
N LYS C 17 9.60 -13.36 -6.16
CA LYS C 17 10.59 -12.76 -7.03
C LYS C 17 11.85 -12.51 -6.22
N THR C 18 12.92 -13.18 -6.60
CA THR C 18 14.18 -12.99 -5.92
C THR C 18 15.36 -13.46 -6.78
N GLY C 19 16.50 -12.81 -6.57
CA GLY C 19 17.78 -13.29 -7.08
C GLY C 19 18.59 -14.04 -6.06
N TRP C 20 18.13 -14.09 -4.82
CA TRP C 20 18.81 -14.92 -3.86
C TRP C 20 19.03 -16.33 -4.37
N THR C 21 20.22 -16.87 -4.15
CA THR C 21 20.47 -18.25 -4.58
C THR C 21 19.93 -19.35 -3.71
N HIS C 22 19.74 -19.07 -2.42
CA HIS C 22 19.24 -20.06 -1.50
C HIS C 22 18.00 -19.50 -0.74
N PRO C 23 16.95 -19.08 -1.47
CA PRO C 23 15.83 -18.44 -0.78
C PRO C 23 15.09 -19.43 0.11
N HIS C 24 14.65 -18.94 1.26
CA HIS C 24 13.85 -19.72 2.17
C HIS C 24 12.58 -18.96 2.56
N ILE C 25 11.52 -19.71 2.91
CA ILE C 25 10.31 -19.13 3.48
C ILE C 25 10.11 -19.57 4.92
N HIS C 26 10.02 -18.63 5.84
CA HIS C 26 9.88 -18.94 7.26
C HIS C 26 8.45 -18.50 7.61
N TYR C 27 7.63 -19.41 8.14
CA TYR C 27 6.20 -19.15 8.27
C TYR C 27 5.54 -19.85 9.43
N SER C 28 4.37 -19.33 9.73
CA SER C 28 3.37 -19.94 10.58
C SER C 28 2.10 -20.14 9.82
N LEU C 29 1.68 -21.39 9.76
CA LEU C 29 0.49 -21.78 9.03
C LEU C 29 -0.68 -21.79 9.99
N ASN C 30 -1.76 -21.11 9.68
CA ASN C 30 -3.00 -21.10 10.49
C ASN C 30 -2.74 -20.83 11.97
N GLN C 31 -1.91 -19.84 12.21
CA GLN C 31 -1.48 -19.43 13.56
C GLN C 31 -0.77 -20.53 14.38
N GLY C 32 -0.24 -21.58 13.73
CA GLY C 32 0.46 -22.65 14.41
C GLY C 32 1.89 -22.33 14.64
N ALA C 33 2.71 -23.36 14.81
CA ALA C 33 4.09 -23.15 15.06
C ALA C 33 4.77 -22.45 13.89
N TRP C 34 5.73 -21.56 14.17
CA TRP C 34 6.67 -21.10 13.15
C TRP C 34 7.60 -22.23 12.80
N THR C 35 8.00 -22.28 11.53
CA THR C 35 9.09 -23.18 11.06
C THR C 35 10.39 -22.95 11.81
N THR C 36 11.23 -23.99 11.88
CA THR C 36 12.63 -23.89 12.28
C THR C 36 13.39 -22.99 11.34
N LEU C 37 14.11 -22.01 11.85
CA LEU C 37 14.95 -21.19 10.97
C LEU C 37 15.95 -22.02 10.28
N PRO C 38 16.32 -21.68 9.03
CA PRO C 38 15.83 -20.49 8.31
C PRO C 38 14.52 -20.67 7.56
N GLY C 39 13.87 -21.82 7.75
CA GLY C 39 12.60 -22.15 7.12
C GLY C 39 12.74 -23.14 5.98
N VAL C 40 11.79 -23.11 5.07
CA VAL C 40 11.64 -24.13 4.05
C VAL C 40 12.23 -23.53 2.79
N PRO C 41 13.14 -24.21 2.12
CA PRO C 41 13.71 -23.65 0.88
C PRO C 41 12.64 -23.55 -0.18
N LEU C 42 12.64 -22.46 -0.94
CA LEU C 42 11.80 -22.37 -2.13
C LEU C 42 12.54 -23.02 -3.31
N THR C 43 11.80 -23.58 -4.28
CA THR C 43 12.37 -24.31 -5.42
C THR C 43 12.34 -23.48 -6.68
N LYS C 44 13.08 -23.97 -7.67
CA LYS C 44 12.99 -23.42 -9.03
C LYS C 44 11.54 -23.30 -9.47
N SER C 45 11.15 -22.18 -10.07
CA SER C 45 9.82 -22.08 -10.71
C SER C 45 9.96 -22.14 -12.21
N GLU C 46 8.81 -22.26 -12.88
CA GLU C 46 8.66 -22.24 -14.33
C GLU C 46 8.86 -20.84 -14.94
N TYR C 47 9.08 -19.83 -14.09
CA TYR C 47 9.32 -18.47 -14.51
C TYR C 47 10.66 -17.96 -14.03
N GLU C 48 11.47 -17.45 -14.97
CA GLU C 48 12.75 -16.92 -14.62
C GLU C 48 12.62 -15.73 -13.65
N GLY C 49 13.49 -15.71 -12.64
CA GLY C 49 13.48 -14.67 -11.63
C GLY C 49 12.57 -14.91 -10.45
N TYR C 50 11.82 -16.01 -10.50
CA TYR C 50 10.92 -16.38 -9.45
C TYR C 50 11.22 -17.76 -8.93
N VAL C 51 11.10 -17.91 -7.61
CA VAL C 51 11.12 -19.22 -7.02
C VAL C 51 9.72 -19.51 -6.54
N LYS C 52 9.46 -20.73 -6.14
CA LYS C 52 8.15 -21.06 -5.64
C LYS C 52 8.14 -22.13 -4.59
N VAL C 53 7.00 -22.25 -3.92
CA VAL C 53 6.75 -23.28 -2.89
C VAL C 53 5.24 -23.52 -2.82
N THR C 54 4.85 -24.76 -2.51
CA THR C 54 3.50 -25.08 -2.19
C THR C 54 3.49 -25.62 -0.78
N ILE C 55 2.76 -24.92 0.09
CA ILE C 55 2.58 -25.33 1.50
C ILE C 55 1.26 -26.05 1.60
N GLU C 56 1.35 -27.33 1.95
CA GLU C 56 0.20 -28.12 2.19
C GLU C 56 -0.72 -27.57 3.25
N ALA C 57 -2.00 -27.43 2.90
CA ALA C 57 -2.97 -26.80 3.76
C ALA C 57 -4.40 -27.17 3.39
N GLU C 58 -5.31 -27.03 4.34
CA GLU C 58 -6.73 -27.28 4.10
C GLU C 58 -7.38 -26.02 3.55
N GLU C 59 -8.58 -26.21 3.05
CA GLU C 59 -9.42 -25.08 2.62
C GLU C 59 -9.53 -24.02 3.69
N GLY C 60 -9.47 -22.77 3.26
CA GLY C 60 -9.66 -21.62 4.11
C GLY C 60 -8.47 -21.32 4.99
N SER C 61 -7.29 -21.75 4.54
CA SER C 61 -6.09 -21.53 5.31
C SER C 61 -5.47 -20.17 5.00
N GLN C 62 -4.63 -19.76 5.93
CA GLN C 62 -3.78 -18.59 5.79
C GLN C 62 -2.43 -18.86 6.45
N LEU C 63 -1.38 -18.24 5.92
CA LEU C 63 -0.10 -18.27 6.59
C LEU C 63 0.51 -16.87 6.63
N ARG C 64 1.38 -16.71 7.61
CA ARG C 64 2.20 -15.53 7.79
C ARG C 64 3.62 -15.94 7.51
N ALA C 65 4.33 -15.14 6.73
CA ALA C 65 5.62 -15.48 6.16
C ALA C 65 6.59 -14.32 6.10
N ALA C 66 7.85 -14.67 6.29
CA ALA C 66 9.02 -13.80 6.06
C ALA C 66 10.00 -14.63 5.21
N PHE C 67 10.67 -14.01 4.23
CA PHE C 67 11.58 -14.67 3.33
C PHE C 67 12.99 -14.32 3.69
N ASN C 68 13.91 -15.23 3.41
CA ASN C 68 15.31 -14.94 3.64
C ASN C 68 16.25 -15.61 2.69
N ASN C 69 17.51 -15.18 2.66
CA ASN C 69 18.49 -15.78 1.75
C ASN C 69 19.24 -16.98 2.31
N GLY C 70 18.76 -17.52 3.40
CA GLY C 70 19.42 -18.66 4.06
C GLY C 70 20.62 -18.29 4.92
N SER C 71 20.99 -17.02 4.93
CA SER C 71 22.17 -16.54 5.65
C SER C 71 21.88 -15.24 6.38
N GLY C 72 20.69 -15.05 6.90
CA GLY C 72 20.43 -13.81 7.65
C GLY C 72 20.03 -12.51 6.95
N GLN C 73 19.82 -12.50 5.62
CA GLN C 73 19.23 -11.36 4.94
C GLN C 73 17.77 -11.69 4.73
N TRP C 74 16.88 -10.78 5.13
CA TRP C 74 15.43 -11.05 5.20
C TRP C 74 14.63 -10.07 4.30
N ASP C 75 13.46 -10.56 3.94
CA ASP C 75 12.40 -9.78 3.40
C ASP C 75 11.14 -10.03 4.18
N ASN C 76 10.79 -9.12 5.08
CA ASN C 76 9.70 -9.36 6.03
C ASN C 76 8.65 -8.28 6.02
N ASN C 77 8.54 -7.53 4.92
CA ASN C 77 7.46 -6.60 4.75
C ASN C 77 7.48 -5.49 5.84
N GLN C 78 8.64 -4.86 6.04
CA GLN C 78 8.78 -3.80 7.05
C GLN C 78 8.44 -4.30 8.45
N GLY C 79 8.80 -5.54 8.67
CA GLY C 79 8.57 -6.19 9.95
C GLY C 79 7.20 -6.76 10.19
N ARG C 80 6.25 -6.63 9.26
CA ARG C 80 4.88 -7.04 9.50
C ARG C 80 4.61 -8.46 8.98
N ASP C 81 5.57 -9.02 8.24
CA ASP C 81 5.39 -10.27 7.51
C ASP C 81 4.35 -10.16 6.40
N TYR C 82 4.32 -11.20 5.56
CA TYR C 82 3.44 -11.29 4.43
C TYR C 82 2.32 -12.31 4.71
N ASP C 83 1.09 -11.99 4.25
CA ASP C 83 -0.04 -12.86 4.49
C ASP C 83 -0.50 -13.51 3.22
N PHE C 84 -0.60 -14.83 3.22
CA PHE C 84 -1.02 -15.55 2.04
C PHE C 84 -2.11 -16.53 2.41
N SER C 85 -3.11 -16.65 1.56
CA SER C 85 -4.25 -17.50 1.83
C SER C 85 -4.23 -18.66 0.85
N SER C 86 -5.06 -19.66 1.10
CA SER C 86 -5.21 -20.79 0.21
C SER C 86 -5.40 -20.26 -1.21
N GLY C 87 -4.78 -20.92 -2.16
CA GLY C 87 -4.73 -20.46 -3.54
C GLY C 87 -3.32 -20.11 -3.98
N VAL C 88 -3.23 -19.45 -5.14
CA VAL C 88 -1.98 -19.06 -5.76
C VAL C 88 -1.79 -17.56 -5.67
N HIS C 89 -0.60 -17.17 -5.20
CA HIS C 89 -0.21 -15.76 -5.19
C HIS C 89 1.24 -15.58 -5.64
N THR C 90 1.56 -14.35 -6.10
CA THR C 90 2.90 -13.93 -6.41
C THR C 90 3.27 -12.68 -5.60
N LEU C 91 4.45 -12.74 -4.97
CA LEU C 91 5.06 -11.66 -4.18
C LEU C 91 6.18 -11.12 -5.04
N ALA C 92 6.08 -9.85 -5.45
CA ALA C 92 7.18 -9.18 -6.14
C ALA C 92 7.34 -7.79 -5.53
N ASP C 93 8.56 -7.45 -5.12
CA ASP C 93 8.85 -6.10 -4.59
C ASP C 93 7.88 -5.63 -3.56
N GLY C 94 7.63 -6.54 -2.61
CA GLY C 94 6.79 -6.27 -1.49
C GLY C 94 5.33 -6.24 -1.72
N ARG C 95 4.86 -6.49 -2.94
CA ARG C 95 3.45 -6.53 -3.17
C ARG C 95 2.94 -7.91 -3.59
N ILE C 96 1.82 -8.31 -3.04
CA ILE C 96 1.21 -9.62 -3.35
C ILE C 96 0.04 -9.44 -4.29
N LEU C 97 0.00 -10.24 -5.35
CA LEU C 97 -1.18 -10.33 -6.19
C LEU C 97 -1.60 -11.79 -6.38
N SER C 98 -2.88 -12.00 -6.67
CA SER C 98 -3.33 -13.32 -6.99
C SER C 98 -2.69 -13.81 -8.27
N GLY C 99 -2.60 -15.12 -8.35
CA GLY C 99 -2.08 -15.74 -9.53
C GLY C 99 -0.58 -15.77 -9.74
N THR C 100 -0.20 -15.99 -11.01
CA THR C 100 1.18 -16.16 -11.40
C THR C 100 1.90 -14.90 -11.86
N PRO C 101 3.19 -14.98 -12.06
CA PRO C 101 3.99 -13.78 -12.38
C PRO C 101 3.56 -13.07 -13.65
N LYS C 102 3.68 -11.75 -13.61
CA LYS C 102 3.26 -10.86 -14.69
C LYS C 102 4.38 -10.63 -15.68
N ALA D 9 5.77 3.36 -29.09
CA ALA D 9 4.37 3.67 -28.59
C ALA D 9 4.19 5.16 -28.52
N THR D 10 3.09 5.67 -29.04
CA THR D 10 2.88 7.10 -28.93
C THR D 10 1.53 7.34 -28.22
N ASP D 11 0.42 6.92 -28.83
CA ASP D 11 -0.91 7.18 -28.26
C ASP D 11 -1.02 6.42 -26.94
N ILE D 12 -1.83 7.00 -26.04
CA ILE D 12 -2.21 6.38 -24.79
C ILE D 12 -3.56 5.72 -24.93
N THR D 13 -3.52 4.39 -25.01
CA THR D 13 -4.71 3.57 -25.05
C THR D 13 -4.96 2.95 -23.71
N ILE D 14 -6.17 3.11 -23.22
CA ILE D 14 -6.59 2.66 -21.88
C ILE D 14 -7.86 1.88 -22.01
N TYR D 15 -7.84 0.66 -21.47
CA TYR D 15 -9.01 -0.11 -21.24
C TYR D 15 -9.34 0.00 -19.74
N TYR D 16 -10.61 0.02 -19.44
CA TYR D 16 -11.10 0.29 -18.08
C TYR D 16 -12.28 -0.59 -17.71
N LYS D 17 -12.15 -1.35 -16.63
CA LYS D 17 -13.22 -2.24 -16.16
C LYS D 17 -14.28 -1.45 -15.40
N THR D 18 -15.47 -1.39 -15.96
CA THR D 18 -16.57 -0.67 -15.35
C THR D 18 -17.90 -1.13 -15.86
N GLY D 19 -18.90 -1.08 -15.00
CA GLY D 19 -20.27 -1.29 -15.39
C GLY D 19 -21.02 0.00 -15.52
N TRP D 20 -20.35 1.13 -15.30
CA TRP D 20 -21.05 2.42 -15.42
C TRP D 20 -21.52 2.52 -16.85
N THR D 21 -22.68 3.15 -17.04
CA THR D 21 -23.31 3.36 -18.33
C THR D 21 -22.65 4.42 -19.19
N HIS D 22 -22.25 5.52 -18.55
CA HIS D 22 -21.66 6.65 -19.29
C HIS D 22 -20.29 6.98 -18.68
N PRO D 23 -19.34 6.07 -18.84
CA PRO D 23 -18.03 6.26 -18.22
C PRO D 23 -17.26 7.34 -18.97
N HIS D 24 -16.55 8.19 -18.21
CA HIS D 24 -15.71 9.24 -18.79
C HIS D 24 -14.32 9.16 -18.17
N ILE D 25 -13.32 9.58 -18.94
CA ILE D 25 -11.98 9.83 -18.41
C ILE D 25 -11.72 11.33 -18.40
N HIS D 26 -11.39 11.81 -17.21
CA HIS D 26 -10.96 13.18 -16.99
C HIS D 26 -9.46 13.18 -16.74
N TYR D 27 -8.73 13.92 -17.53
CA TYR D 27 -7.27 13.79 -17.56
C TYR D 27 -6.51 15.07 -17.89
N SER D 28 -5.24 15.03 -17.52
CA SER D 28 -4.18 15.94 -17.93
C SER D 28 -3.08 15.22 -18.66
N LEU D 29 -2.89 15.58 -19.92
CA LEU D 29 -1.87 14.98 -20.76
C LEU D 29 -0.56 15.77 -20.68
N ASN D 30 0.50 15.06 -20.30
CA ASN D 30 1.88 15.62 -20.22
C ASN D 30 1.88 16.91 -19.43
N GLN D 31 1.26 16.87 -18.26
CA GLN D 31 1.19 18.00 -17.33
C GLN D 31 0.53 19.24 -17.88
N GLY D 32 -0.27 19.10 -18.95
CA GLY D 32 -1.03 20.19 -19.47
C GLY D 32 -2.39 20.42 -18.87
N ALA D 33 -3.26 21.11 -19.61
CA ALA D 33 -4.60 21.40 -19.12
C ALA D 33 -5.35 20.13 -18.79
N TRP D 34 -6.13 20.19 -17.72
CA TRP D 34 -7.18 19.17 -17.51
C TRP D 34 -8.32 19.34 -18.50
N THR D 35 -8.87 18.20 -18.91
CA THR D 35 -10.08 18.20 -19.70
C THR D 35 -11.20 18.94 -19.03
N THR D 36 -12.06 19.49 -19.89
CA THR D 36 -13.36 19.92 -19.40
C THR D 36 -14.20 18.83 -18.76
N LEU D 37 -14.79 19.10 -17.57
CA LEU D 37 -15.58 18.06 -16.92
C LEU D 37 -16.81 17.77 -17.72
N PRO D 38 -17.32 16.55 -17.70
CA PRO D 38 -16.78 15.37 -16.98
C PRO D 38 -15.63 14.60 -17.69
N GLY D 39 -15.05 15.17 -18.76
CA GLY D 39 -14.01 14.51 -19.51
C GLY D 39 -14.52 13.87 -20.79
N VAL D 40 -13.74 12.92 -21.26
CA VAL D 40 -13.94 12.26 -22.53
C VAL D 40 -14.57 10.92 -22.34
N PRO D 41 -15.58 10.62 -23.13
CA PRO D 41 -16.24 9.31 -22.97
C PRO D 41 -15.34 8.16 -23.33
N LEU D 42 -15.46 7.05 -22.61
CA LEU D 42 -14.83 5.81 -23.01
C LEU D 42 -15.93 5.03 -23.74
N THR D 43 -15.51 4.27 -24.74
CA THR D 43 -16.46 3.53 -25.60
C THR D 43 -16.21 2.01 -25.59
N LYS D 44 -16.98 1.31 -26.44
CA LYS D 44 -17.02 -0.12 -26.40
C LYS D 44 -15.66 -0.75 -26.66
N SER D 45 -15.42 -1.83 -25.94
CA SER D 45 -14.31 -2.73 -26.25
C SER D 45 -14.79 -4.14 -26.57
N GLU D 46 -13.83 -4.96 -26.94
CA GLU D 46 -14.04 -6.33 -27.35
C GLU D 46 -14.00 -7.22 -26.06
N TYR D 47 -13.89 -6.61 -24.87
CA TYR D 47 -13.79 -7.37 -23.61
C TYR D 47 -14.97 -7.05 -22.72
N GLU D 48 -15.85 -8.03 -22.45
CA GLU D 48 -17.00 -7.84 -21.59
C GLU D 48 -16.50 -7.23 -20.26
N GLY D 49 -17.21 -6.19 -19.83
CA GLY D 49 -16.90 -5.52 -18.58
C GLY D 49 -15.89 -4.39 -18.73
N TYR D 50 -15.37 -4.17 -19.94
CA TYR D 50 -14.39 -3.11 -20.19
C TYR D 50 -14.85 -2.17 -21.29
N VAL D 51 -14.50 -0.89 -21.16
CA VAL D 51 -14.59 0.12 -22.18
C VAL D 51 -13.18 0.61 -22.45
N LYS D 52 -13.00 1.45 -23.46
CA LYS D 52 -11.67 1.90 -23.88
C LYS D 52 -11.63 3.27 -24.43
N VAL D 53 -10.45 3.86 -24.44
CA VAL D 53 -10.25 5.17 -25.05
C VAL D 53 -8.84 5.26 -25.53
N THR D 54 -8.62 6.02 -26.61
CA THR D 54 -7.30 6.28 -27.10
C THR D 54 -7.10 7.78 -27.13
N ILE D 55 -6.10 8.23 -26.39
CA ILE D 55 -5.77 9.63 -26.29
C ILE D 55 -4.59 9.87 -27.22
N GLU D 56 -4.75 10.76 -28.20
CA GLU D 56 -3.66 11.05 -29.08
C GLU D 56 -2.49 11.72 -28.36
N ALA D 57 -1.28 11.19 -28.57
CA ALA D 57 -0.08 11.67 -27.90
C ALA D 57 1.19 11.26 -28.65
N GLU D 58 2.24 12.02 -28.40
CA GLU D 58 3.61 11.80 -28.93
C GLU D 58 4.31 10.75 -28.10
N GLU D 59 5.37 10.16 -28.68
CA GLU D 59 6.17 9.19 -27.94
C GLU D 59 6.55 9.75 -26.61
N GLY D 60 6.57 8.88 -25.63
CA GLY D 60 7.15 9.23 -24.36
C GLY D 60 6.21 10.08 -23.52
N SER D 61 4.92 10.00 -23.84
CA SER D 61 3.90 10.78 -23.10
C SER D 61 3.40 10.02 -21.85
N GLN D 62 2.85 10.82 -20.94
CA GLN D 62 2.17 10.36 -19.76
C GLN D 62 0.93 11.18 -19.54
N LEU D 63 -0.10 10.61 -18.91
CA LEU D 63 -1.22 11.42 -18.45
C LEU D 63 -1.62 10.99 -17.05
N ARG D 64 -2.27 11.92 -16.37
CA ARG D 64 -2.89 11.69 -15.08
C ARG D 64 -4.37 11.66 -15.30
N ALA D 65 -5.04 10.69 -14.70
CA ALA D 65 -6.44 10.48 -14.92
C ALA D 65 -7.28 10.10 -13.69
N ALA D 66 -8.53 10.50 -13.77
CA ALA D 66 -9.64 10.00 -12.90
C ALA D 66 -10.83 9.70 -13.75
N PHE D 67 -11.56 8.65 -13.41
CA PHE D 67 -12.69 8.16 -14.15
C PHE D 67 -14.01 8.48 -13.41
N ASN D 68 -15.08 8.72 -14.14
CA ASN D 68 -16.35 9.00 -13.53
C ASN D 68 -17.48 8.47 -14.37
N ASN D 69 -18.67 8.41 -13.78
CA ASN D 69 -19.88 7.87 -14.46
C ASN D 69 -20.70 8.95 -15.17
N GLY D 70 -20.13 10.14 -15.33
CA GLY D 70 -20.81 11.22 -16.05
C GLY D 70 -21.75 12.05 -15.19
N SER D 71 -21.98 11.55 -13.99
CA SER D 71 -22.93 12.14 -13.04
C SER D 71 -22.34 12.23 -11.63
N GLY D 72 -21.07 12.55 -11.48
CA GLY D 72 -20.58 12.72 -10.10
C GLY D 72 -20.16 11.51 -9.28
N GLN D 73 -20.23 10.29 -9.81
CA GLN D 73 -19.52 9.17 -9.18
C GLN D 73 -18.16 8.94 -9.81
N TRP D 74 -17.12 8.85 -8.98
CA TRP D 74 -15.74 8.80 -9.43
C TRP D 74 -14.98 7.55 -9.05
N ASP D 75 -13.92 7.32 -9.80
CA ASP D 75 -12.89 6.36 -9.50
C ASP D 75 -11.56 7.08 -9.69
N ASN D 76 -10.97 7.54 -8.59
CA ASN D 76 -9.79 8.44 -8.60
C ASN D 76 -8.57 7.89 -7.79
N ASN D 77 -8.53 6.57 -7.60
CA ASN D 77 -7.39 5.90 -7.02
C ASN D 77 -7.04 6.44 -5.62
N GLN D 78 -8.07 6.41 -4.76
CA GLN D 78 -8.02 6.95 -3.41
C GLN D 78 -7.59 8.40 -3.38
N GLY D 79 -8.07 9.15 -4.38
CA GLY D 79 -7.83 10.57 -4.53
C GLY D 79 -6.50 10.93 -5.17
N ARG D 80 -5.66 9.95 -5.53
CA ARG D 80 -4.32 10.14 -6.02
C ARG D 80 -4.27 10.23 -7.55
N ASP D 81 -5.36 9.85 -8.19
CA ASP D 81 -5.37 9.67 -9.67
C ASP D 81 -4.53 8.55 -10.19
N TYR D 82 -4.78 8.19 -11.46
CA TYR D 82 -4.06 7.06 -12.10
C TYR D 82 -3.08 7.60 -13.13
N ASP D 83 -1.96 6.93 -13.31
CA ASP D 83 -0.93 7.38 -14.25
C ASP D 83 -0.85 6.40 -15.37
N PHE D 84 -0.89 6.93 -16.62
CA PHE D 84 -0.84 6.08 -17.80
C PHE D 84 0.20 6.64 -18.78
N SER D 85 0.94 5.76 -19.44
CA SER D 85 1.99 6.18 -20.35
C SER D 85 1.66 5.71 -21.78
N SER D 86 2.39 6.22 -22.76
CA SER D 86 2.26 5.81 -24.16
C SER D 86 2.23 4.30 -24.27
N GLY D 87 1.35 3.78 -25.11
CA GLY D 87 1.15 2.35 -25.26
C GLY D 87 -0.22 1.96 -24.71
N VAL D 88 -0.42 0.67 -24.50
CA VAL D 88 -1.67 0.11 -24.12
C VAL D 88 -1.59 -0.40 -22.68
N HIS D 89 -2.54 0.07 -21.87
CA HIS D 89 -2.75 -0.39 -20.50
C HIS D 89 -4.23 -0.67 -20.18
N THR D 90 -4.42 -1.57 -19.21
CA THR D 90 -5.72 -1.88 -18.63
C THR D 90 -5.74 -1.59 -17.13
N LEU D 91 -6.79 -0.90 -16.72
CA LEU D 91 -7.14 -0.61 -15.32
C LEU D 91 -8.34 -1.44 -14.93
N ALA D 92 -8.19 -2.29 -13.90
CA ALA D 92 -9.27 -3.11 -13.38
C ALA D 92 -9.10 -3.09 -11.88
N ASP D 93 -10.12 -2.67 -11.17
CA ASP D 93 -10.13 -2.73 -9.70
C ASP D 93 -8.95 -2.07 -9.09
N GLY D 94 -8.68 -0.89 -9.63
CA GLY D 94 -7.64 -0.06 -9.10
C GLY D 94 -6.22 -0.41 -9.50
N ARG D 95 -6.00 -1.41 -10.35
CA ARG D 95 -4.65 -1.81 -10.67
C ARG D 95 -4.44 -1.72 -12.16
N ILE D 96 -3.29 -1.24 -12.56
CA ILE D 96 -2.96 -1.06 -13.96
C ILE D 96 -1.96 -2.13 -14.40
N LEU D 97 -2.26 -2.81 -15.48
CA LEU D 97 -1.25 -3.63 -16.15
C LEU D 97 -1.07 -3.21 -17.60
N SER D 98 0.08 -3.54 -18.17
CA SER D 98 0.32 -3.38 -19.60
C SER D 98 -0.57 -4.27 -20.43
N GLY D 99 -0.88 -3.82 -21.64
CA GLY D 99 -1.68 -4.64 -22.52
C GLY D 99 -3.16 -4.60 -22.31
N THR D 100 -3.82 -5.53 -23.00
CA THR D 100 -5.27 -5.58 -23.12
C THR D 100 -5.86 -6.38 -21.99
N PRO D 101 -7.16 -6.33 -21.76
CA PRO D 101 -7.73 -7.08 -20.65
C PRO D 101 -7.59 -8.62 -20.67
#